data_2WUD
#
_entry.id   2WUD
#
_cell.length_a   112.254
_cell.length_b   118.765
_cell.length_c   182.592
_cell.angle_alpha   90.00
_cell.angle_beta   90.00
_cell.angle_gamma   90.00
#
_symmetry.space_group_name_H-M   'F 2 2 2'
#
loop_
_entity.id
_entity.type
_entity.pdbx_description
1 polymer '2-HYDROXY-6-OXO-6-PHENYLHEXA-2,4-DIENOATE HYDROLASE BPHD'
2 non-polymer 'THIOCYANATE ION'
3 water water
#
_entity_poly.entity_id   1
_entity_poly.type   'polypeptide(L)'
_entity_poly.pdbx_seq_one_letter_code
;MTATEELTFESTSRFAEVDVDGPLKLHYHEAGVGNDQTVVLLHGGGPGAASWTNFSRNIAVLARHFHVLAVDQPGYGHSD
KRAEHGQFNRYAAMALKGLFDQLGLGRVPLVGNALGGGTAVRFALDYPARAGRLVLMGPGGLSINLFAPDPTEGVKRLSK
FSVAPTRENLEAFLRVMVYDKNLITPELVDQRFALASTPESLTATRAMGKSFAGADFEAGMMWREVYRLRQPVLLIWGRE
DRVNPLDGALVALKTIPRAQLHVFGQCGHWVQVEKFDEFNKLTIEFLGGGR
;
_entity_poly.pdbx_strand_id   A,B
#
loop_
_chem_comp.id
_chem_comp.type
_chem_comp.name
_chem_comp.formula
SCN non-polymer 'THIOCYANATE ION' 'C N S -1'
#
# COMPACT_ATOMS: atom_id res chain seq x y z
N LEU A 7 -5.40 -13.10 14.48
CA LEU A 7 -4.06 -12.59 14.30
C LEU A 7 -3.97 -11.13 13.92
N THR A 8 -3.70 -10.28 14.89
CA THR A 8 -3.53 -8.88 14.69
C THR A 8 -2.24 -8.53 15.39
N PHE A 9 -1.74 -7.34 15.10
CA PHE A 9 -0.56 -6.82 15.74
C PHE A 9 -0.67 -6.97 17.24
N GLU A 10 -1.81 -6.55 17.77
CA GLU A 10 -2.08 -6.46 19.20
C GLU A 10 -2.22 -7.83 19.85
N SER A 11 -2.89 -8.75 19.18
CA SER A 11 -3.13 -10.07 19.76
C SER A 11 -1.84 -10.87 19.90
N THR A 12 -0.87 -10.57 19.05
CA THR A 12 0.37 -11.35 19.03
C THR A 12 1.52 -10.64 19.73
N SER A 13 1.34 -9.34 19.99
CA SER A 13 2.37 -8.54 20.63
C SER A 13 2.79 -9.11 21.99
N ARG A 14 4.10 -9.12 22.23
CA ARG A 14 4.68 -9.55 23.49
C ARG A 14 5.90 -8.67 23.75
N PHE A 15 6.26 -8.48 25.00
CA PHE A 15 7.48 -7.85 25.40
C PHE A 15 8.30 -8.75 26.29
N ALA A 16 9.59 -8.62 26.20
CA ALA A 16 10.52 -9.23 27.08
C ALA A 16 11.66 -8.31 27.44
N GLU A 17 12.09 -8.39 28.67
CA GLU A 17 13.27 -7.70 29.09
C GLU A 17 14.44 -8.66 29.23
N VAL A 18 15.47 -8.45 28.44
CA VAL A 18 16.67 -9.24 28.48
C VAL A 18 17.89 -8.40 28.90
N ASP A 19 18.97 -9.08 29.18
CA ASP A 19 20.17 -8.42 29.62
C ASP A 19 21.25 -8.37 28.57
N VAL A 20 21.51 -7.18 28.12
CA VAL A 20 22.66 -6.96 27.24
C VAL A 20 23.37 -5.72 27.73
N ASP A 21 24.35 -5.92 28.61
CA ASP A 21 24.99 -4.82 29.32
C ASP A 21 23.94 -4.00 30.06
N GLY A 22 22.98 -4.69 30.65
CA GLY A 22 21.87 -4.04 31.33
C GLY A 22 20.58 -4.31 30.59
N PRO A 23 19.46 -3.89 31.19
CA PRO A 23 18.11 -4.13 30.66
C PRO A 23 17.92 -3.66 29.23
N LEU A 24 17.36 -4.56 28.42
CA LEU A 24 17.01 -4.24 27.04
C LEU A 24 15.63 -4.81 26.78
N LYS A 25 14.68 -3.95 26.43
CA LYS A 25 13.34 -4.39 26.13
C LYS A 25 13.24 -4.88 24.68
N LEU A 26 12.77 -6.12 24.50
CA LEU A 26 12.55 -6.65 23.16
C LEU A 26 11.06 -6.82 22.90
N HIS A 27 10.60 -6.27 21.78
CA HIS A 27 9.24 -6.52 21.33
C HIS A 27 9.21 -7.67 20.32
N TYR A 28 8.23 -8.55 20.45
CA TYR A 28 8.05 -9.60 19.46
C TYR A 28 6.61 -10.02 19.29
N HIS A 29 6.37 -10.79 18.24
CA HIS A 29 5.06 -11.33 17.95
C HIS A 29 5.08 -12.83 18.07
N GLU A 30 4.09 -13.37 18.75
CA GLU A 30 3.97 -14.80 18.95
C GLU A 30 2.68 -15.29 18.30
N ALA A 31 2.78 -16.37 17.52
CA ALA A 31 1.62 -16.98 16.89
C ALA A 31 1.84 -18.48 16.72
N GLY A 32 0.77 -19.18 16.40
CA GLY A 32 0.82 -20.63 16.25
C GLY A 32 1.18 -21.33 17.54
N VAL A 33 0.82 -20.72 18.67
CA VAL A 33 0.99 -21.37 19.97
C VAL A 33 0.24 -22.70 19.93
N GLY A 34 0.87 -23.76 20.40
CA GLY A 34 0.27 -25.08 20.33
C GLY A 34 0.89 -25.92 19.23
N ASN A 35 1.53 -25.26 18.27
CA ASN A 35 2.33 -25.96 17.28
C ASN A 35 3.65 -26.41 17.92
N ASP A 36 4.17 -27.56 17.50
CA ASP A 36 5.30 -28.17 18.19
C ASP A 36 6.64 -27.53 17.86
N GLN A 37 6.81 -27.13 16.61
CA GLN A 37 8.10 -26.61 16.17
C GLN A 37 8.14 -25.09 16.21
N THR A 38 9.00 -24.54 17.07
CA THR A 38 9.22 -23.11 17.16
C THR A 38 10.13 -22.63 16.03
N VAL A 39 9.81 -21.49 15.46
CA VAL A 39 10.68 -20.83 14.49
C VAL A 39 10.79 -19.35 14.84
N VAL A 40 12.01 -18.83 14.78
CA VAL A 40 12.24 -17.41 15.05
C VAL A 40 12.46 -16.64 13.75
N LEU A 41 11.70 -15.56 13.56
CA LEU A 41 11.87 -14.72 12.38
C LEU A 41 12.56 -13.41 12.73
N LEU A 42 13.55 -13.04 11.91
CA LEU A 42 14.33 -11.83 12.10
C LEU A 42 14.24 -10.93 10.87
N HIS A 43 13.59 -9.77 11.04
CA HIS A 43 13.24 -8.89 9.92
C HIS A 43 14.43 -8.16 9.31
N GLY A 44 14.19 -7.48 8.19
CA GLY A 44 15.22 -6.75 7.47
C GLY A 44 15.48 -5.35 7.98
N GLY A 45 16.40 -4.62 7.32
CA GLY A 45 16.75 -3.25 7.66
C GLY A 45 15.80 -2.22 7.09
N GLY A 46 16.23 -0.99 7.00
CA GLY A 46 15.33 0.08 6.60
C GLY A 46 14.79 0.68 7.87
N PRO A 47 15.01 1.97 8.01
CA PRO A 47 14.77 2.64 9.27
C PRO A 47 13.37 2.53 9.85
N GLY A 48 12.34 2.31 9.08
CA GLY A 48 11.05 2.18 9.70
C GLY A 48 10.49 0.78 9.72
N ALA A 49 11.32 -0.21 9.56
CA ALA A 49 10.92 -1.60 9.40
C ALA A 49 10.71 -2.28 10.74
N ALA A 50 9.89 -3.32 10.77
CA ALA A 50 9.60 -4.05 11.97
C ALA A 50 9.06 -5.43 11.64
N SER A 51 8.92 -6.29 12.64
CA SER A 51 8.53 -7.67 12.38
C SER A 51 7.22 -7.74 11.60
N TRP A 52 6.21 -7.07 12.13
CA TRP A 52 4.85 -7.15 11.62
C TRP A 52 4.70 -6.71 10.17
N THR A 53 5.30 -5.59 9.80
CA THR A 53 5.25 -5.13 8.42
C THR A 53 6.17 -5.95 7.50
N ASN A 54 7.34 -6.33 8.01
CA ASN A 54 8.28 -7.13 7.23
C ASN A 54 7.69 -8.47 6.81
N PHE A 55 7.05 -9.15 7.72
CA PHE A 55 6.57 -10.48 7.54
C PHE A 55 5.04 -10.54 7.49
N SER A 56 4.44 -9.49 6.97
CA SER A 56 3.01 -9.39 6.81
C SER A 56 2.36 -10.47 5.97
N ARG A 57 2.98 -10.82 4.84
CA ARG A 57 2.48 -11.85 3.94
C ARG A 57 2.95 -13.26 4.37
N ASN A 58 3.54 -13.38 5.57
CA ASN A 58 4.18 -14.59 6.00
C ASN A 58 3.75 -15.19 7.34
N ILE A 59 3.63 -14.36 8.32
CA ILE A 59 3.39 -14.81 9.70
C ILE A 59 2.17 -15.73 9.84
N ALA A 60 1.02 -15.30 9.33
CA ALA A 60 -0.20 -16.10 9.43
C ALA A 60 -0.03 -17.46 8.74
N VAL A 61 0.56 -17.46 7.55
CA VAL A 61 0.78 -18.70 6.82
C VAL A 61 1.70 -19.63 7.60
N LEU A 62 2.85 -19.11 8.02
CA LEU A 62 3.81 -19.89 8.79
C LEU A 62 3.22 -20.37 10.13
N ALA A 63 2.37 -19.57 10.75
CA ALA A 63 1.73 -19.90 12.01
C ALA A 63 0.83 -21.12 11.94
N ARG A 64 0.38 -21.48 10.76
CA ARG A 64 -0.44 -22.68 10.58
C ARG A 64 0.39 -23.90 10.86
N HIS A 65 1.67 -23.81 10.63
CA HIS A 65 2.54 -24.94 10.77
C HIS A 65 3.52 -24.88 11.90
N PHE A 66 3.87 -23.68 12.31
CA PHE A 66 4.92 -23.53 13.31
C PHE A 66 4.46 -22.63 14.45
N HIS A 67 5.20 -22.70 15.55
CA HIS A 67 5.10 -21.72 16.62
C HIS A 67 6.05 -20.59 16.26
N VAL A 68 5.49 -19.48 15.83
CA VAL A 68 6.27 -18.39 15.28
C VAL A 68 6.59 -17.31 16.30
N LEU A 69 7.87 -16.96 16.40
CA LEU A 69 8.30 -15.81 17.19
C LEU A 69 9.03 -14.85 16.28
N ALA A 70 8.36 -13.74 15.93
CA ALA A 70 8.94 -12.73 15.05
C ALA A 70 9.43 -11.55 15.89
N VAL A 71 10.74 -11.43 16.02
CA VAL A 71 11.33 -10.50 16.96
C VAL A 71 11.78 -9.18 16.35
N ASP A 72 11.30 -8.07 16.91
CA ASP A 72 11.77 -6.75 16.57
C ASP A 72 13.20 -6.65 17.07
N GLN A 73 14.12 -6.36 16.17
CA GLN A 73 15.51 -6.30 16.55
C GLN A 73 15.79 -4.96 17.22
N PRO A 74 16.64 -4.97 18.23
CA PRO A 74 16.95 -3.72 18.95
C PRO A 74 17.22 -2.62 17.94
N GLY A 75 16.61 -1.49 18.17
CA GLY A 75 16.70 -0.37 17.24
C GLY A 75 15.51 -0.29 16.30
N TYR A 76 14.61 -1.27 16.37
CA TYR A 76 13.52 -1.36 15.39
C TYR A 76 12.21 -1.67 16.07
N GLY A 77 11.11 -1.29 15.40
CA GLY A 77 9.79 -1.58 15.90
C GLY A 77 9.56 -1.04 17.30
N HIS A 78 9.14 -1.91 18.20
CA HIS A 78 8.87 -1.52 19.59
C HIS A 78 9.93 -2.06 20.57
N SER A 79 11.04 -2.57 20.04
CA SER A 79 12.17 -2.89 20.90
C SER A 79 12.97 -1.62 21.23
N ASP A 80 13.81 -1.69 22.26
CA ASP A 80 14.59 -0.55 22.72
C ASP A 80 15.45 0.00 21.59
N LYS A 81 15.56 1.31 21.54
CA LYS A 81 16.42 1.95 20.56
C LYS A 81 17.54 2.74 21.26
N ARG A 82 18.58 2.02 21.67
CA ARG A 82 19.72 2.65 22.35
C ARG A 82 20.49 3.60 21.42
N ALA A 83 21.13 4.60 22.03
CA ALA A 83 21.90 5.57 21.27
C ALA A 83 23.29 5.06 20.92
N GLU A 84 23.67 3.91 21.45
CA GLU A 84 24.93 3.29 21.06
C GLU A 84 24.99 1.78 21.28
N HIS A 85 25.76 1.10 20.44
CA HIS A 85 26.00 -0.33 20.59
C HIS A 85 27.23 -0.71 19.76
N GLY A 86 27.66 -1.95 19.91
CA GLY A 86 28.78 -2.47 19.14
C GLY A 86 28.29 -2.99 17.80
N GLN A 87 29.10 -3.84 17.18
CA GLN A 87 28.73 -4.43 15.90
C GLN A 87 27.30 -4.96 15.99
N PHE A 88 26.44 -4.47 15.10
CA PHE A 88 25.00 -4.66 15.27
C PHE A 88 24.54 -6.10 15.37
N ASN A 89 24.99 -6.95 14.46
CA ASN A 89 24.55 -8.34 14.44
C ASN A 89 24.91 -9.07 15.71
N ARG A 90 26.10 -8.82 16.24
CA ARG A 90 26.52 -9.43 17.49
C ARG A 90 25.69 -8.90 18.66
N TYR A 91 25.41 -7.60 18.63
CA TYR A 91 24.52 -6.93 19.58
C TYR A 91 23.12 -7.57 19.57
N ALA A 92 22.49 -7.66 18.40
CA ALA A 92 21.19 -8.29 18.28
C ALA A 92 21.21 -9.78 18.63
N ALA A 93 22.31 -10.45 18.32
CA ALA A 93 22.44 -11.87 18.65
C ALA A 93 22.52 -12.06 20.18
N MET A 94 23.22 -11.15 20.86
CA MET A 94 23.26 -11.18 22.32
C MET A 94 21.86 -11.03 22.89
N ALA A 95 21.07 -10.11 22.33
CA ALA A 95 19.70 -9.90 22.79
C ALA A 95 18.86 -11.15 22.57
N LEU A 96 19.05 -11.78 21.41
CA LEU A 96 18.29 -12.98 21.05
C LEU A 96 18.60 -14.15 21.98
N LYS A 97 19.86 -14.31 22.32
CA LYS A 97 20.29 -15.32 23.28
C LYS A 97 19.55 -15.12 24.61
N GLY A 98 19.52 -13.89 25.10
CA GLY A 98 18.75 -13.54 26.29
C GLY A 98 17.32 -14.00 26.16
N LEU A 99 16.69 -13.77 25.00
CA LEU A 99 15.31 -14.16 24.79
C LEU A 99 15.14 -15.69 24.77
N PHE A 100 16.02 -16.38 24.05
CA PHE A 100 16.04 -17.85 24.03
C PHE A 100 16.05 -18.41 25.44
N ASP A 101 16.98 -17.94 26.26
CA ASP A 101 17.13 -18.41 27.63
C ASP A 101 15.87 -18.15 28.41
N GLN A 102 15.37 -16.92 28.31
CA GLN A 102 14.18 -16.51 29.04
C GLN A 102 12.93 -17.30 28.67
N LEU A 103 12.74 -17.56 27.37
CA LEU A 103 11.59 -18.35 26.93
C LEU A 103 11.83 -19.86 27.01
N GLY A 104 13.03 -20.27 27.40
CA GLY A 104 13.34 -21.68 27.50
C GLY A 104 13.49 -22.41 26.16
N LEU A 105 13.85 -21.66 25.11
CA LEU A 105 14.10 -22.28 23.82
C LEU A 105 15.43 -23.01 23.84
N GLY A 106 15.48 -24.19 23.21
CA GLY A 106 16.71 -24.95 23.08
C GLY A 106 17.38 -24.64 21.76
N ARG A 107 17.25 -25.55 20.79
CA ARG A 107 17.72 -25.31 19.43
C ARG A 107 16.55 -25.06 18.50
N VAL A 108 16.60 -23.93 17.79
CA VAL A 108 15.45 -23.48 17.03
C VAL A 108 15.88 -22.93 15.67
N PRO A 109 15.14 -23.28 14.61
CA PRO A 109 15.48 -22.76 13.28
C PRO A 109 15.25 -21.25 13.23
N LEU A 110 16.03 -20.56 12.41
CA LEU A 110 15.96 -19.10 12.26
C LEU A 110 15.69 -18.70 10.80
N VAL A 111 14.72 -17.81 10.64
CA VAL A 111 14.41 -17.17 9.41
C VAL A 111 14.76 -15.69 9.43
N GLY A 112 15.67 -15.31 8.59
CA GLY A 112 16.19 -13.97 8.62
C GLY A 112 16.35 -13.31 7.30
N ASN A 113 15.73 -12.17 7.12
CA ASN A 113 16.15 -11.43 5.99
C ASN A 113 17.01 -10.20 6.18
N ALA A 114 17.85 -10.01 5.19
CA ALA A 114 18.73 -8.88 5.09
C ALA A 114 19.52 -8.70 6.40
N LEU A 115 19.46 -7.54 7.03
CA LEU A 115 20.05 -7.31 8.34
C LEU A 115 19.75 -8.48 9.29
N GLY A 116 18.50 -8.98 9.30
CA GLY A 116 18.07 -10.07 10.15
C GLY A 116 18.73 -11.40 9.79
N GLY A 117 19.08 -11.57 8.53
CA GLY A 117 19.88 -12.72 8.11
C GLY A 117 21.29 -12.68 8.68
N GLY A 118 21.87 -11.49 8.75
CA GLY A 118 23.18 -11.32 9.35
C GLY A 118 23.16 -11.67 10.84
N THR A 119 22.09 -11.27 11.50
CA THR A 119 21.90 -11.56 12.92
C THR A 119 21.65 -13.06 13.15
N ALA A 120 20.83 -13.68 12.32
CA ALA A 120 20.64 -15.13 12.42
C ALA A 120 21.97 -15.85 12.32
N VAL A 121 22.80 -15.41 11.38
CA VAL A 121 24.11 -16.02 11.17
C VAL A 121 25.06 -15.74 12.34
N ARG A 122 25.12 -14.49 12.77
CA ARG A 122 25.96 -14.14 13.92
C ARG A 122 25.60 -15.01 15.14
N PHE A 123 24.29 -15.13 15.38
CA PHE A 123 23.74 -15.94 16.47
C PHE A 123 24.13 -17.40 16.32
N ALA A 124 23.97 -17.94 15.11
CA ALA A 124 24.28 -19.34 14.82
C ALA A 124 25.77 -19.63 14.99
N LEU A 125 26.61 -18.62 14.79
CA LEU A 125 28.06 -18.75 14.97
C LEU A 125 28.46 -18.59 16.44
N ASP A 126 27.82 -17.64 17.12
CA ASP A 126 28.16 -17.32 18.51
C ASP A 126 27.58 -18.33 19.52
N TYR A 127 26.38 -18.85 19.22
CA TYR A 127 25.71 -19.82 20.09
C TYR A 127 25.30 -21.02 19.25
N PRO A 128 26.29 -21.78 18.80
CA PRO A 128 26.13 -22.84 17.78
C PRO A 128 25.08 -23.88 18.15
N ALA A 129 24.92 -24.17 19.44
CA ALA A 129 24.01 -25.22 19.89
C ALA A 129 22.55 -24.75 19.84
N ARG A 130 22.35 -23.44 19.76
CA ARG A 130 21.02 -22.87 19.87
C ARG A 130 20.33 -22.62 18.52
N ALA A 131 21.10 -22.64 17.45
CA ALA A 131 20.53 -22.42 16.12
C ALA A 131 20.35 -23.73 15.35
N GLY A 132 19.13 -23.98 14.90
CA GLY A 132 18.85 -25.11 14.02
C GLY A 132 19.02 -24.70 12.57
N ARG A 133 18.18 -25.24 11.68
CA ARG A 133 18.23 -24.91 10.27
C ARG A 133 18.06 -23.39 10.04
N LEU A 134 18.77 -22.83 9.07
CA LEU A 134 18.64 -21.41 8.75
C LEU A 134 18.01 -21.18 7.39
N VAL A 135 17.07 -20.24 7.34
CA VAL A 135 16.57 -19.73 6.08
C VAL A 135 16.93 -18.24 6.03
N LEU A 136 17.70 -17.87 5.01
CA LEU A 136 18.29 -16.54 4.92
C LEU A 136 18.01 -15.87 3.57
N MET A 137 17.24 -14.77 3.59
CA MET A 137 16.84 -14.10 2.36
C MET A 137 17.66 -12.85 2.13
N GLY A 138 18.41 -12.84 1.03
CA GLY A 138 19.33 -11.76 0.73
C GLY A 138 20.01 -11.24 2.00
N PRO A 139 20.62 -12.16 2.77
CA PRO A 139 21.23 -11.85 4.07
C PRO A 139 22.42 -10.90 3.98
N GLY A 140 22.48 -9.94 4.91
CA GLY A 140 23.70 -9.19 5.12
C GLY A 140 24.74 -10.05 5.83
N GLY A 141 25.93 -9.51 6.01
CA GLY A 141 26.93 -10.14 6.86
C GLY A 141 27.64 -11.34 6.25
N LEU A 142 26.91 -12.40 5.90
CA LEU A 142 27.57 -13.54 5.26
C LEU A 142 27.78 -13.28 3.77
N SER A 143 27.10 -12.28 3.23
CA SER A 143 27.24 -11.94 1.82
C SER A 143 28.49 -11.12 1.66
N ILE A 144 29.21 -11.38 0.57
CA ILE A 144 30.27 -10.50 0.10
C ILE A 144 30.15 -10.38 -1.42
N ASN A 145 29.88 -9.15 -1.89
CA ASN A 145 29.59 -8.90 -3.29
C ASN A 145 30.84 -8.94 -4.12
N LEU A 146 31.18 -10.12 -4.63
CA LEU A 146 32.43 -10.30 -5.39
C LEU A 146 32.56 -9.41 -6.65
N PHE A 147 31.45 -9.03 -7.25
CA PHE A 147 31.49 -8.19 -8.45
C PHE A 147 30.93 -6.78 -8.23
N ALA A 148 29.85 -6.66 -7.46
CA ALA A 148 29.25 -5.34 -7.23
C ALA A 148 30.11 -4.44 -6.34
N PRO A 149 30.49 -3.25 -6.85
CA PRO A 149 31.19 -2.25 -6.06
C PRO A 149 30.39 -1.85 -4.81
N ASP A 150 31.06 -1.79 -3.66
CA ASP A 150 30.43 -1.37 -2.41
C ASP A 150 30.83 0.08 -2.11
N PRO A 151 29.90 0.87 -1.55
CA PRO A 151 28.53 0.46 -1.22
C PRO A 151 27.63 0.34 -2.44
N THR A 152 26.75 -0.65 -2.44
CA THR A 152 25.78 -0.86 -3.51
C THR A 152 24.77 0.27 -3.51
N GLU A 153 23.97 0.33 -4.56
CA GLU A 153 22.95 1.34 -4.72
C GLU A 153 21.96 1.35 -3.54
N GLY A 154 21.56 0.17 -3.09
CA GLY A 154 20.66 0.06 -1.95
C GLY A 154 21.27 0.60 -0.66
N VAL A 155 22.53 0.26 -0.43
CA VAL A 155 23.26 0.76 0.73
C VAL A 155 23.42 2.29 0.67
N LYS A 156 23.76 2.81 -0.51
CA LYS A 156 23.92 4.24 -0.71
C LYS A 156 22.61 4.99 -0.47
N ARG A 157 21.51 4.44 -0.96
CA ARG A 157 20.23 5.12 -0.78
C ARG A 157 19.80 5.15 0.69
N LEU A 158 20.10 4.09 1.44
CA LEU A 158 19.83 4.06 2.87
C LEU A 158 20.71 5.09 3.60
N SER A 159 21.99 5.15 3.22
CA SER A 159 22.91 6.15 3.77
C SER A 159 22.43 7.57 3.51
N LYS A 160 21.90 7.82 2.32
CA LYS A 160 21.41 9.16 2.01
C LYS A 160 20.27 9.53 2.95
N PHE A 161 19.34 8.61 3.16
CA PHE A 161 18.24 8.89 4.09
C PHE A 161 18.77 9.18 5.50
N SER A 162 19.71 8.38 5.96
CA SER A 162 20.29 8.56 7.28
C SER A 162 20.90 9.96 7.39
N VAL A 163 21.43 10.46 6.28
CA VAL A 163 21.99 11.80 6.26
C VAL A 163 20.89 12.86 6.15
N ALA A 164 19.95 12.63 5.26
CA ALA A 164 18.88 13.58 5.00
C ALA A 164 17.57 12.83 5.03
N PRO A 165 16.95 12.71 6.21
CA PRO A 165 15.76 11.88 6.40
C PRO A 165 14.51 12.53 5.83
N THR A 166 14.44 12.63 4.51
CA THR A 166 13.27 13.21 3.86
C THR A 166 12.39 12.13 3.24
N ARG A 167 11.12 12.45 3.05
CA ARG A 167 10.19 11.51 2.42
C ARG A 167 10.72 11.06 1.06
N GLU A 168 11.24 12.01 0.30
CA GLU A 168 11.77 11.77 -1.04
C GLU A 168 12.92 10.75 -1.00
N ASN A 169 13.82 10.91 -0.04
CA ASN A 169 14.94 9.98 0.08
C ASN A 169 14.49 8.59 0.52
N LEU A 170 13.46 8.52 1.35
CA LEU A 170 12.94 7.23 1.77
C LEU A 170 12.28 6.53 0.58
N GLU A 171 11.54 7.28 -0.23
CA GLU A 171 10.92 6.69 -1.40
C GLU A 171 11.95 6.14 -2.38
N ALA A 172 13.06 6.87 -2.56
CA ALA A 172 14.09 6.42 -3.49
C ALA A 172 14.73 5.13 -2.98
N PHE A 173 14.87 5.05 -1.66
CA PHE A 173 15.40 3.86 -1.01
C PHE A 173 14.43 2.68 -1.17
N LEU A 174 13.16 2.90 -0.88
CA LEU A 174 12.17 1.83 -0.97
C LEU A 174 12.06 1.26 -2.38
N ARG A 175 12.19 2.13 -3.38
CA ARG A 175 12.05 1.71 -4.76
C ARG A 175 13.15 0.75 -5.22
N VAL A 176 14.31 0.75 -4.54
CA VAL A 176 15.35 -0.24 -4.85
C VAL A 176 15.27 -1.49 -3.98
N MET A 177 14.16 -1.65 -3.26
CA MET A 177 13.92 -2.85 -2.47
C MET A 177 13.18 -3.91 -3.27
N VAL A 178 12.58 -3.49 -4.38
CA VAL A 178 11.66 -4.35 -5.11
C VAL A 178 11.89 -4.33 -6.62
N TYR A 179 11.61 -5.46 -7.27
CA TYR A 179 11.62 -5.54 -8.71
C TYR A 179 10.43 -4.77 -9.27
N ASP A 180 9.24 -5.04 -8.73
CA ASP A 180 8.01 -4.36 -9.15
C ASP A 180 7.81 -3.07 -8.36
N LYS A 181 8.21 -1.95 -8.95
CA LYS A 181 8.19 -0.69 -8.24
C LYS A 181 6.79 -0.16 -7.97
N ASN A 182 5.78 -0.77 -8.58
CA ASN A 182 4.40 -0.39 -8.29
C ASN A 182 3.98 -0.79 -6.88
N LEU A 183 4.81 -1.61 -6.28
CA LEU A 183 4.63 -2.00 -4.94
C LEU A 183 4.93 -0.86 -3.98
N ILE A 184 5.61 0.15 -4.45
CA ILE A 184 5.95 1.24 -3.62
C ILE A 184 4.92 2.34 -3.75
N THR A 185 3.83 2.18 -3.07
CA THR A 185 2.73 3.11 -3.12
C THR A 185 3.00 4.31 -2.20
N PRO A 186 2.18 5.34 -2.36
CA PRO A 186 2.23 6.51 -1.50
C PRO A 186 1.89 6.19 -0.05
N GLU A 187 0.90 5.36 0.19
CA GLU A 187 0.55 4.95 1.53
C GLU A 187 1.65 4.10 2.24
N LEU A 188 2.34 3.26 1.50
CA LEU A 188 3.53 2.58 1.97
C LEU A 188 4.64 3.57 2.36
N VAL A 189 4.99 4.48 1.47
CA VAL A 189 5.99 5.50 1.75
C VAL A 189 5.63 6.31 3.00
N ASP A 190 4.40 6.81 3.07
CA ASP A 190 3.98 7.62 4.20
C ASP A 190 4.07 6.83 5.51
N GLN A 191 3.60 5.59 5.48
CA GLN A 191 3.65 4.71 6.65
C GLN A 191 5.08 4.48 7.16
N ARG A 192 6.01 4.16 6.26
CA ARG A 192 7.38 3.92 6.66
C ARG A 192 8.05 5.22 7.10
N PHE A 193 7.79 6.31 6.41
CA PHE A 193 8.39 7.59 6.76
C PHE A 193 8.00 8.04 8.16
N ALA A 194 6.71 7.91 8.51
CA ALA A 194 6.26 8.28 9.85
C ALA A 194 7.04 7.51 10.92
N LEU A 195 7.26 6.22 10.67
CA LEU A 195 7.99 5.38 11.61
C LEU A 195 9.48 5.70 11.55
N ALA A 196 9.99 5.87 10.34
CA ALA A 196 11.37 6.13 10.12
C ALA A 196 11.85 7.46 10.72
N SER A 197 10.98 8.46 10.82
CA SER A 197 11.41 9.80 11.16
C SER A 197 11.18 10.27 12.62
N THR A 198 10.75 9.36 13.45
CA THR A 198 10.71 9.60 14.87
C THR A 198 12.10 9.86 15.39
N PRO A 199 12.18 10.66 16.44
CA PRO A 199 13.41 10.94 17.15
C PRO A 199 14.11 9.64 17.57
N GLU A 200 13.37 8.67 18.04
CA GLU A 200 13.94 7.44 18.50
C GLU A 200 14.55 6.56 17.36
N SER A 201 13.92 6.58 16.20
CA SER A 201 14.41 5.96 14.99
C SER A 201 15.63 6.64 14.48
N LEU A 202 15.62 7.95 14.47
CA LEU A 202 16.78 8.71 14.15
C LEU A 202 18.00 8.39 15.06
N THR A 203 17.76 8.25 16.36
CA THR A 203 18.75 7.79 17.33
C THR A 203 19.34 6.41 16.97
N ALA A 204 18.48 5.48 16.62
CA ALA A 204 18.90 4.15 16.24
C ALA A 204 19.75 4.19 14.96
N THR A 205 19.29 4.98 13.98
CA THR A 205 20.03 5.16 12.74
C THR A 205 21.41 5.73 13.05
N ARG A 206 21.45 6.72 13.92
CA ARG A 206 22.69 7.35 14.35
C ARG A 206 23.61 6.32 15.05
N ALA A 207 23.03 5.54 15.96
CA ALA A 207 23.77 4.48 16.66
C ALA A 207 24.37 3.47 15.67
N MET A 208 23.58 3.10 14.66
CA MET A 208 24.00 2.14 13.65
C MET A 208 25.18 2.67 12.86
N GLY A 209 25.08 3.90 12.38
CA GLY A 209 26.14 4.51 11.60
C GLY A 209 27.45 4.53 12.37
N LYS A 210 27.36 4.91 13.63
CA LYS A 210 28.52 4.98 14.51
C LYS A 210 29.15 3.61 14.77
N SER A 211 28.33 2.57 14.83
CA SER A 211 28.80 1.22 15.11
C SER A 211 29.68 0.65 14.00
N PHE A 212 29.48 1.14 12.77
CA PHE A 212 30.29 0.71 11.63
C PHE A 212 31.77 0.98 11.88
N ALA A 213 32.05 2.07 12.59
CA ALA A 213 33.41 2.53 12.81
C ALA A 213 34.05 1.84 14.01
N GLY A 214 33.38 0.82 14.52
CA GLY A 214 33.88 0.09 15.66
C GLY A 214 35.07 -0.80 15.34
N ALA A 215 35.84 -1.13 16.36
CA ALA A 215 37.00 -2.00 16.21
C ALA A 215 36.58 -3.47 16.13
N ASP A 216 35.30 -3.74 16.34
CA ASP A 216 34.78 -5.10 16.28
C ASP A 216 34.14 -5.41 14.93
N PHE A 217 34.59 -4.69 13.91
CA PHE A 217 34.01 -4.80 12.56
C PHE A 217 34.12 -6.21 11.98
N GLU A 218 35.17 -6.94 12.35
CA GLU A 218 35.36 -8.30 11.86
C GLU A 218 34.15 -9.20 12.12
N ALA A 219 33.44 -8.94 13.21
CA ALA A 219 32.25 -9.71 13.58
C ALA A 219 31.18 -9.62 12.49
N GLY A 220 31.26 -8.59 11.65
CA GLY A 220 30.32 -8.42 10.56
C GLY A 220 30.73 -9.13 9.26
N MET A 221 32.00 -9.52 9.18
CA MET A 221 32.51 -10.17 7.98
C MET A 221 32.29 -11.68 8.03
N MET A 222 31.02 -12.08 8.10
CA MET A 222 30.67 -13.45 8.41
C MET A 222 30.97 -14.45 7.28
N TRP A 223 31.18 -13.93 6.08
CA TRP A 223 31.62 -14.77 4.96
C TRP A 223 32.92 -15.49 5.31
N ARG A 224 33.63 -14.97 6.30
CA ARG A 224 34.89 -15.59 6.74
C ARG A 224 34.66 -16.78 7.69
N GLU A 225 33.45 -16.93 8.19
CA GLU A 225 33.22 -17.86 9.28
C GLU A 225 32.21 -18.97 8.98
N VAL A 226 31.36 -18.74 7.98
CA VAL A 226 30.22 -19.65 7.76
C VAL A 226 30.61 -21.09 7.37
N TYR A 227 31.86 -21.29 6.95
CA TYR A 227 32.35 -22.65 6.73
C TYR A 227 32.21 -23.50 8.00
N ARG A 228 32.03 -22.84 9.15
CA ARG A 228 31.83 -23.55 10.43
C ARG A 228 30.39 -24.00 10.71
N LEU A 229 29.43 -23.51 9.92
CA LEU A 229 28.03 -23.85 10.15
C LEU A 229 27.78 -25.31 9.77
N ARG A 230 27.13 -26.05 10.68
CA ARG A 230 26.90 -27.48 10.50
C ARG A 230 25.47 -27.87 10.10
N GLN A 231 24.52 -26.95 10.26
CA GLN A 231 23.12 -27.23 9.92
C GLN A 231 22.84 -26.97 8.45
N PRO A 232 21.74 -27.55 7.93
CA PRO A 232 21.30 -27.13 6.59
C PRO A 232 20.99 -25.63 6.60
N VAL A 233 21.34 -24.95 5.51
CA VAL A 233 21.10 -23.52 5.36
C VAL A 233 20.52 -23.28 3.98
N LEU A 234 19.32 -22.70 3.94
CA LEU A 234 18.70 -22.33 2.68
C LEU A 234 18.87 -20.84 2.40
N LEU A 235 19.77 -20.53 1.48
CA LEU A 235 19.95 -19.17 1.00
C LEU A 235 18.90 -18.91 -0.07
N ILE A 236 18.14 -17.82 0.10
CA ILE A 236 17.14 -17.42 -0.89
C ILE A 236 17.43 -15.98 -1.35
N TRP A 237 17.44 -15.78 -2.67
CA TRP A 237 17.77 -14.47 -3.25
C TRP A 237 16.76 -14.05 -4.32
N GLY A 238 16.51 -12.75 -4.40
CA GLY A 238 15.84 -12.16 -5.56
C GLY A 238 16.92 -11.88 -6.57
N ARG A 239 16.75 -12.38 -7.80
CA ARG A 239 17.77 -12.19 -8.82
C ARG A 239 18.11 -10.70 -8.97
N GLU A 240 17.10 -9.85 -8.79
CA GLU A 240 17.25 -8.41 -8.97
C GLU A 240 17.51 -7.65 -7.65
N ASP A 241 18.02 -8.34 -6.64
CA ASP A 241 18.34 -7.67 -5.37
C ASP A 241 19.35 -6.54 -5.63
N ARG A 242 18.97 -5.31 -5.30
CA ARG A 242 19.88 -4.16 -5.51
C ARG A 242 20.54 -3.68 -4.21
N VAL A 243 20.28 -4.38 -3.11
CA VAL A 243 20.87 -4.03 -1.82
C VAL A 243 22.03 -4.96 -1.53
N ASN A 244 21.73 -6.25 -1.42
CA ASN A 244 22.72 -7.31 -1.33
C ASN A 244 22.57 -8.19 -2.58
N PRO A 245 23.31 -7.85 -3.64
CA PRO A 245 23.07 -8.46 -4.94
C PRO A 245 23.47 -9.95 -4.95
N LEU A 246 23.07 -10.64 -6.00
CA LEU A 246 23.20 -12.09 -6.09
C LEU A 246 24.63 -12.60 -5.91
N ASP A 247 25.62 -11.88 -6.47
CA ASP A 247 27.01 -12.30 -6.38
C ASP A 247 27.49 -12.44 -4.92
N GLY A 248 26.78 -11.79 -4.01
CA GLY A 248 27.05 -11.91 -2.57
C GLY A 248 26.68 -13.26 -1.97
N ALA A 249 26.04 -14.13 -2.75
CA ALA A 249 25.65 -15.45 -2.26
C ALA A 249 26.76 -16.50 -2.36
N LEU A 250 27.74 -16.24 -3.24
CA LEU A 250 28.69 -17.26 -3.68
C LEU A 250 29.58 -17.89 -2.59
N VAL A 251 30.21 -17.07 -1.77
CA VAL A 251 31.10 -17.57 -0.73
C VAL A 251 30.32 -18.46 0.24
N ALA A 252 29.13 -18.00 0.64
CA ALA A 252 28.28 -18.76 1.55
C ALA A 252 27.82 -20.07 0.91
N LEU A 253 27.43 -20.01 -0.36
CA LEU A 253 27.05 -21.22 -1.07
C LEU A 253 28.20 -22.27 -1.11
N LYS A 254 29.40 -21.80 -1.41
CA LYS A 254 30.59 -22.65 -1.54
C LYS A 254 31.04 -23.24 -0.20
N THR A 255 31.00 -22.43 0.86
CA THR A 255 31.67 -22.82 2.10
C THR A 255 30.78 -23.46 3.18
N ILE A 256 29.47 -23.23 3.12
CA ILE A 256 28.57 -23.90 4.07
C ILE A 256 28.31 -25.35 3.59
N PRO A 257 28.82 -26.35 4.33
CA PRO A 257 28.70 -27.73 3.83
C PRO A 257 27.29 -28.11 3.36
N ARG A 258 26.25 -27.82 4.14
CA ARG A 258 24.87 -28.21 3.80
C ARG A 258 23.99 -27.08 3.23
N ALA A 259 24.61 -26.20 2.47
CA ALA A 259 23.91 -25.08 1.86
C ALA A 259 23.02 -25.49 0.70
N GLN A 260 21.92 -24.76 0.57
CA GLN A 260 21.16 -24.73 -0.67
C GLN A 260 20.98 -23.27 -1.04
N LEU A 261 20.76 -23.01 -2.33
CA LEU A 261 20.45 -21.68 -2.82
C LEU A 261 19.22 -21.74 -3.71
N HIS A 262 18.28 -20.84 -3.47
CA HIS A 262 17.18 -20.65 -4.40
C HIS A 262 17.14 -19.21 -4.85
N VAL A 263 17.14 -19.01 -6.16
CA VAL A 263 17.07 -17.69 -6.74
C VAL A 263 15.74 -17.51 -7.49
N PHE A 264 15.06 -16.40 -7.22
CA PHE A 264 13.86 -16.00 -7.96
C PHE A 264 14.11 -14.88 -8.97
N GLY A 265 13.92 -15.16 -10.26
CA GLY A 265 13.92 -14.12 -11.26
C GLY A 265 12.70 -13.22 -11.05
N GLN A 266 12.82 -11.98 -11.47
CA GLN A 266 11.76 -10.99 -11.31
C GLN A 266 11.41 -10.82 -9.83
N CYS A 267 12.46 -10.64 -9.04
CA CYS A 267 12.28 -10.50 -7.59
C CYS A 267 13.42 -9.64 -7.07
N GLY A 268 13.08 -8.63 -6.28
CA GLY A 268 14.07 -7.75 -5.70
C GLY A 268 14.51 -8.21 -4.33
N HIS A 269 14.99 -7.24 -3.54
CA HIS A 269 15.51 -7.50 -2.19
C HIS A 269 14.44 -8.05 -1.24
N TRP A 270 13.18 -7.64 -1.41
CA TRP A 270 12.12 -8.12 -0.54
C TRP A 270 11.50 -9.43 -1.01
N VAL A 271 12.26 -10.51 -0.94
CA VAL A 271 11.79 -11.82 -1.39
C VAL A 271 10.48 -12.24 -0.70
N GLN A 272 10.40 -11.97 0.60
CA GLN A 272 9.26 -12.45 1.40
C GLN A 272 7.95 -11.74 1.01
N VAL A 273 8.08 -10.59 0.37
CA VAL A 273 6.93 -9.85 -0.15
C VAL A 273 6.65 -10.19 -1.62
N GLU A 274 7.67 -10.05 -2.47
CA GLU A 274 7.48 -10.19 -3.91
C GLU A 274 7.24 -11.62 -4.37
N LYS A 275 7.75 -12.58 -3.61
CA LYS A 275 7.53 -13.99 -3.93
C LYS A 275 6.98 -14.69 -2.70
N PHE A 276 5.97 -14.08 -2.08
CA PHE A 276 5.53 -14.48 -0.74
C PHE A 276 5.05 -15.92 -0.69
N ASP A 277 4.28 -16.33 -1.70
CA ASP A 277 3.75 -17.68 -1.72
C ASP A 277 4.86 -18.72 -1.90
N GLU A 278 5.75 -18.47 -2.86
CA GLU A 278 6.88 -19.36 -3.16
C GLU A 278 7.81 -19.43 -1.96
N PHE A 279 8.12 -18.26 -1.38
CA PHE A 279 8.93 -18.19 -0.17
C PHE A 279 8.32 -18.98 1.00
N ASN A 280 7.02 -18.77 1.22
CA ASN A 280 6.30 -19.46 2.29
C ASN A 280 6.43 -20.99 2.17
N LYS A 281 6.15 -21.51 0.98
CA LYS A 281 6.16 -22.94 0.74
C LYS A 281 7.57 -23.52 0.86
N LEU A 282 8.55 -22.78 0.36
CA LEU A 282 9.95 -23.19 0.44
C LEU A 282 10.35 -23.33 1.91
N THR A 283 10.00 -22.33 2.70
CA THR A 283 10.34 -22.31 4.12
C THR A 283 9.64 -23.43 4.91
N ILE A 284 8.34 -23.60 4.69
CA ILE A 284 7.59 -24.68 5.33
C ILE A 284 8.22 -26.05 5.01
N GLU A 285 8.54 -26.29 3.74
CA GLU A 285 9.11 -27.56 3.35
C GLU A 285 10.49 -27.76 3.98
N PHE A 286 11.32 -26.73 3.90
CA PHE A 286 12.69 -26.79 4.41
C PHE A 286 12.70 -27.06 5.91
N LEU A 287 11.77 -26.44 6.63
CA LEU A 287 11.72 -26.56 8.08
C LEU A 287 10.95 -27.78 8.58
N GLY A 288 10.54 -28.65 7.66
CA GLY A 288 9.99 -29.96 8.03
C GLY A 288 8.49 -30.02 8.22
N LEU B 7 5.35 16.65 -10.47
CA LEU B 7 3.94 16.32 -10.36
C LEU B 7 3.59 15.72 -9.02
N THR B 8 3.20 16.54 -8.07
CA THR B 8 2.95 16.11 -6.72
C THR B 8 1.62 16.63 -6.21
N PHE B 9 1.19 16.20 -5.05
CA PHE B 9 -0.08 16.61 -4.50
C PHE B 9 0.01 18.09 -4.33
N GLU B 10 1.14 18.53 -3.85
CA GLU B 10 1.32 19.93 -3.51
C GLU B 10 1.48 20.83 -4.73
N SER B 11 2.23 20.35 -5.72
CA SER B 11 2.47 21.15 -6.93
C SER B 11 1.19 21.34 -7.75
N THR B 12 0.27 20.40 -7.64
CA THR B 12 -0.93 20.44 -8.48
C THR B 12 -2.15 20.95 -7.72
N SER B 13 -2.03 21.02 -6.40
CA SER B 13 -3.13 21.48 -5.54
C SER B 13 -3.63 22.88 -5.92
N ARG B 14 -4.95 23.02 -5.95
CA ARG B 14 -5.58 24.32 -6.21
C ARG B 14 -6.86 24.37 -5.37
N PHE B 15 -7.28 25.58 -5.01
CA PHE B 15 -8.55 25.82 -4.40
C PHE B 15 -9.42 26.81 -5.22
N ALA B 16 -10.73 26.74 -5.07
CA ALA B 16 -11.61 27.68 -5.67
C ALA B 16 -12.80 27.81 -4.80
N GLU B 17 -13.37 28.98 -4.78
CA GLU B 17 -14.57 29.20 -4.05
C GLU B 17 -15.72 29.47 -4.98
N VAL B 18 -16.77 28.73 -4.77
CA VAL B 18 -17.91 28.83 -5.62
C VAL B 18 -19.15 29.00 -4.80
N ASP B 19 -20.23 29.29 -5.49
CA ASP B 19 -21.48 29.53 -4.78
C ASP B 19 -22.49 28.40 -4.99
N VAL B 20 -22.76 27.65 -3.94
CA VAL B 20 -23.84 26.68 -3.93
C VAL B 20 -24.64 26.93 -2.67
N ASP B 21 -25.63 27.83 -2.81
CA ASP B 21 -26.47 28.34 -1.71
C ASP B 21 -25.57 28.94 -0.63
N GLY B 22 -24.60 29.70 -1.05
CA GLY B 22 -23.57 30.12 -0.15
C GLY B 22 -22.21 29.65 -0.60
N PRO B 23 -21.17 30.19 -0.01
CA PRO B 23 -19.81 29.84 -0.37
C PRO B 23 -19.49 28.37 -0.12
N LEU B 24 -18.75 27.79 -1.05
CA LEU B 24 -18.28 26.39 -1.00
C LEU B 24 -16.88 26.28 -1.52
N LYS B 25 -15.95 25.80 -0.70
CA LYS B 25 -14.58 25.64 -1.14
C LYS B 25 -14.38 24.30 -1.83
N LEU B 26 -13.85 24.33 -3.05
CA LEU B 26 -13.53 23.12 -3.78
C LEU B 26 -12.01 22.97 -3.92
N HIS B 27 -11.50 21.80 -3.56
CA HIS B 27 -10.11 21.47 -3.79
C HIS B 27 -9.98 20.65 -5.07
N TYR B 28 -8.98 20.98 -5.88
CA TYR B 28 -8.72 20.19 -7.08
C TYR B 28 -7.25 20.18 -7.45
N HIS B 29 -6.92 19.29 -8.37
CA HIS B 29 -5.55 19.16 -8.87
C HIS B 29 -5.52 19.49 -10.35
N GLU B 30 -4.52 20.31 -10.71
CA GLU B 30 -4.35 20.73 -12.08
C GLU B 30 -3.01 20.23 -12.61
N ALA B 31 -3.01 19.70 -13.79
CA ALA B 31 -1.83 19.20 -14.41
C ALA B 31 -2.00 19.27 -15.90
N GLY B 32 -0.91 19.12 -16.61
CA GLY B 32 -0.91 19.21 -18.04
C GLY B 32 -1.25 20.57 -18.59
N VAL B 33 -0.91 21.63 -17.85
CA VAL B 33 -1.05 23.00 -18.34
C VAL B 33 -0.33 23.17 -19.66
N GLY B 34 -0.99 23.82 -20.59
CA GLY B 34 -0.38 24.01 -21.86
C GLY B 34 -0.92 23.03 -22.85
N ASN B 35 -1.48 21.93 -22.38
CA ASN B 35 -2.18 21.03 -23.28
C ASN B 35 -3.52 21.67 -23.68
N ASP B 36 -3.96 21.44 -24.90
CA ASP B 36 -5.11 22.15 -25.44
C ASP B 36 -6.46 21.64 -24.94
N GLN B 37 -6.57 20.33 -24.75
CA GLN B 37 -7.84 19.73 -24.37
C GLN B 37 -7.93 19.52 -22.86
N THR B 38 -8.86 20.24 -22.24
CA THR B 38 -9.16 20.07 -20.82
C THR B 38 -10.02 18.84 -20.58
N VAL B 39 -9.71 18.11 -19.51
CA VAL B 39 -10.55 17.00 -19.07
C VAL B 39 -10.74 17.10 -17.56
N VAL B 40 -11.96 16.90 -17.11
CA VAL B 40 -12.27 16.90 -15.69
C VAL B 40 -12.44 15.48 -15.17
N LEU B 41 -11.72 15.15 -14.09
CA LEU B 41 -11.84 13.84 -13.45
C LEU B 41 -12.61 13.94 -12.13
N LEU B 42 -13.55 13.02 -11.94
CA LEU B 42 -14.40 12.97 -10.76
C LEU B 42 -14.27 11.61 -10.07
N HIS B 43 -13.69 11.61 -8.87
CA HIS B 43 -13.30 10.39 -8.16
C HIS B 43 -14.48 9.59 -7.61
N GLY B 44 -14.21 8.41 -7.10
CA GLY B 44 -15.17 7.62 -6.37
C GLY B 44 -15.50 7.98 -4.92
N GLY B 45 -16.48 7.31 -4.35
CA GLY B 45 -17.11 7.70 -3.13
C GLY B 45 -16.78 6.97 -1.84
N GLY B 46 -15.80 6.12 -1.80
CA GLY B 46 -15.62 5.46 -0.54
C GLY B 46 -15.13 6.42 0.56
N PRO B 47 -15.35 6.05 1.80
CA PRO B 47 -14.90 6.87 2.89
C PRO B 47 -13.39 7.05 2.77
N GLY B 48 -12.91 8.27 2.84
CA GLY B 48 -11.53 8.51 2.68
C GLY B 48 -11.02 8.81 1.30
N ALA B 49 -11.87 8.65 0.30
CA ALA B 49 -11.45 8.81 -1.07
C ALA B 49 -11.24 10.27 -1.45
N ALA B 50 -10.38 10.51 -2.41
CA ALA B 50 -10.13 11.85 -2.92
C ALA B 50 -9.50 11.74 -4.31
N SER B 51 -9.29 12.87 -4.97
CA SER B 51 -8.83 12.88 -6.36
C SER B 51 -7.47 12.20 -6.49
N TRP B 52 -6.52 12.65 -5.68
CA TRP B 52 -5.13 12.24 -5.78
C TRP B 52 -4.91 10.73 -5.58
N THR B 53 -5.55 10.16 -4.56
CA THR B 53 -5.43 8.73 -4.33
C THR B 53 -6.25 7.91 -5.33
N ASN B 54 -7.43 8.41 -5.69
CA ASN B 54 -8.29 7.72 -6.64
C ASN B 54 -7.63 7.57 -8.00
N PHE B 55 -6.98 8.62 -8.47
CA PHE B 55 -6.48 8.74 -9.82
C PHE B 55 -4.94 8.80 -9.86
N SER B 56 -4.35 8.22 -8.84
CA SER B 56 -2.88 8.14 -8.70
C SER B 56 -2.15 7.45 -9.85
N ARG B 57 -2.70 6.39 -10.40
CA ARG B 57 -2.14 5.65 -11.52
C ARG B 57 -2.60 6.22 -12.88
N ASN B 58 -3.24 7.38 -12.84
CA ASN B 58 -3.84 7.95 -14.02
C ASN B 58 -3.44 9.37 -14.35
N ILE B 59 -3.42 10.23 -13.36
CA ILE B 59 -3.24 11.67 -13.56
C ILE B 59 -1.99 12.02 -14.38
N ALA B 60 -0.84 11.49 -13.98
CA ALA B 60 0.40 11.80 -14.70
C ALA B 60 0.34 11.33 -16.15
N VAL B 61 -0.18 10.12 -16.38
CA VAL B 61 -0.32 9.60 -17.72
C VAL B 61 -1.23 10.49 -18.55
N LEU B 62 -2.43 10.75 -18.03
CA LEU B 62 -3.40 11.60 -18.74
C LEU B 62 -2.87 13.01 -18.97
N ALA B 63 -2.08 13.52 -18.02
CA ALA B 63 -1.56 14.88 -18.12
C ALA B 63 -0.56 15.04 -19.26
N ARG B 64 -0.04 13.92 -19.78
CA ARG B 64 0.84 14.01 -20.94
C ARG B 64 0.06 14.47 -22.15
N HIS B 65 -1.23 14.16 -22.17
CA HIS B 65 -2.05 14.40 -23.35
C HIS B 65 -3.09 15.50 -23.14
N PHE B 66 -3.52 15.67 -21.91
CA PHE B 66 -4.64 16.57 -21.63
C PHE B 66 -4.29 17.59 -20.55
N HIS B 67 -5.09 18.64 -20.49
CA HIS B 67 -5.07 19.55 -19.36
C HIS B 67 -6.04 18.95 -18.34
N VAL B 68 -5.50 18.39 -17.28
CA VAL B 68 -6.29 17.61 -16.32
C VAL B 68 -6.72 18.43 -15.12
N LEU B 69 -8.01 18.39 -14.82
CA LEU B 69 -8.55 18.95 -13.60
C LEU B 69 -9.27 17.85 -12.81
N ALA B 70 -8.62 17.37 -11.74
CA ALA B 70 -9.20 16.32 -10.91
C ALA B 70 -9.77 16.93 -9.64
N VAL B 71 -11.10 16.96 -9.58
CA VAL B 71 -11.78 17.71 -8.53
C VAL B 71 -12.26 16.86 -7.35
N ASP B 72 -11.87 17.24 -6.15
CA ASP B 72 -12.42 16.73 -4.92
C ASP B 72 -13.92 17.12 -4.79
N GLN B 73 -14.89 16.19 -4.90
CA GLN B 73 -16.30 16.48 -4.70
C GLN B 73 -16.55 16.95 -3.25
N PRO B 74 -17.48 17.82 -3.14
CA PRO B 74 -17.84 18.31 -1.84
C PRO B 74 -18.06 17.13 -0.93
N GLY B 75 -17.52 17.18 0.26
CA GLY B 75 -17.56 16.05 1.14
C GLY B 75 -16.31 15.19 1.19
N TYR B 76 -15.38 15.42 0.29
CA TYR B 76 -14.24 14.54 0.08
C TYR B 76 -12.94 15.32 -0.02
N GLY B 77 -11.83 14.67 0.30
CA GLY B 77 -10.52 15.26 0.17
C GLY B 77 -10.41 16.56 0.94
N HIS B 78 -10.01 17.63 0.24
CA HIS B 78 -9.85 18.94 0.87
C HIS B 78 -10.94 19.94 0.46
N SER B 79 -11.99 19.45 -0.18
CA SER B 79 -13.16 20.29 -0.43
C SER B 79 -14.03 20.37 0.83
N ASP B 80 -14.90 21.38 0.89
CA ASP B 80 -15.76 21.57 2.04
C ASP B 80 -16.60 20.35 2.34
N LYS B 81 -16.77 20.07 3.63
CA LYS B 81 -17.57 18.94 4.07
C LYS B 81 -18.77 19.43 4.89
N ARG B 82 -19.81 19.90 4.21
CA ARG B 82 -21.01 20.40 4.88
C ARG B 82 -21.76 19.28 5.60
N ALA B 83 -22.59 19.62 6.55
CA ALA B 83 -23.27 18.62 7.26
C ALA B 83 -24.66 18.38 6.69
N GLU B 84 -25.02 19.21 5.72
CA GLU B 84 -26.30 19.11 5.09
C GLU B 84 -26.32 19.51 3.62
N HIS B 85 -26.98 18.70 2.82
CA HIS B 85 -27.15 19.01 1.41
C HIS B 85 -28.25 18.12 0.81
N GLY B 86 -28.61 18.39 -0.42
CA GLY B 86 -29.64 17.65 -1.13
C GLY B 86 -29.05 16.43 -1.83
N GLN B 87 -29.78 15.91 -2.82
CA GLN B 87 -29.32 14.76 -3.56
C GLN B 87 -27.87 15.02 -3.99
N PHE B 88 -26.96 14.12 -3.60
CA PHE B 88 -25.54 14.40 -3.71
C PHE B 88 -25.03 14.74 -5.10
N ASN B 89 -25.40 13.94 -6.09
CA ASN B 89 -24.90 14.16 -7.45
C ASN B 89 -25.30 15.53 -7.99
N ARG B 90 -26.51 15.97 -7.67
CA ARG B 90 -26.98 17.28 -8.12
C ARG B 90 -26.25 18.39 -7.39
N TYR B 91 -26.03 18.16 -6.10
CA TYR B 91 -25.23 19.04 -5.24
C TYR B 91 -23.82 19.22 -5.81
N ALA B 92 -23.12 18.10 -6.04
CA ALA B 92 -21.77 18.15 -6.61
C ALA B 92 -21.77 18.76 -8.02
N ALA B 93 -22.80 18.46 -8.81
CA ALA B 93 -22.90 19.02 -10.16
C ALA B 93 -23.05 20.55 -10.10
N MET B 94 -23.82 21.03 -9.13
CA MET B 94 -23.97 22.46 -8.94
C MET B 94 -22.61 23.08 -8.64
N ALA B 95 -21.84 22.43 -7.78
CA ALA B 95 -20.51 22.93 -7.41
C ALA B 95 -19.59 22.97 -8.62
N LEU B 96 -19.65 21.92 -9.44
CA LEU B 96 -18.83 21.79 -10.63
C LEU B 96 -19.15 22.88 -11.66
N LYS B 97 -20.42 23.19 -11.81
CA LYS B 97 -20.86 24.27 -12.70
C LYS B 97 -20.21 25.58 -12.27
N GLY B 98 -20.26 25.86 -10.97
CA GLY B 98 -19.59 27.01 -10.39
C GLY B 98 -18.13 27.03 -10.78
N LEU B 99 -17.46 25.90 -10.70
CA LEU B 99 -16.05 25.82 -11.06
C LEU B 99 -15.83 26.07 -12.55
N PHE B 100 -16.64 25.41 -13.40
CA PHE B 100 -16.61 25.62 -14.85
C PHE B 100 -16.67 27.12 -15.18
N ASP B 101 -17.67 27.80 -14.63
CA ASP B 101 -17.89 29.22 -14.90
C ASP B 101 -16.67 30.01 -14.43
N GLN B 102 -16.24 29.74 -13.21
CA GLN B 102 -15.10 30.45 -12.62
C GLN B 102 -13.79 30.27 -13.40
N LEU B 103 -13.53 29.05 -13.88
CA LEU B 103 -12.31 28.80 -14.65
C LEU B 103 -12.49 29.12 -16.14
N GLY B 104 -13.69 29.52 -16.54
CA GLY B 104 -13.95 29.83 -17.94
C GLY B 104 -14.00 28.63 -18.88
N LEU B 105 -14.31 27.45 -18.34
CA LEU B 105 -14.45 26.26 -19.15
C LEU B 105 -15.77 26.31 -19.93
N GLY B 106 -15.72 25.89 -21.20
CA GLY B 106 -16.93 25.81 -22.01
C GLY B 106 -17.53 24.41 -21.97
N ARG B 107 -17.29 23.64 -23.03
CA ARG B 107 -17.68 22.23 -23.05
C ARG B 107 -16.47 21.33 -22.89
N VAL B 108 -16.52 20.44 -21.90
CA VAL B 108 -15.36 19.68 -21.50
C VAL B 108 -15.73 18.23 -21.20
N PRO B 109 -14.93 17.28 -21.69
CA PRO B 109 -15.21 15.86 -21.41
C PRO B 109 -15.02 15.55 -19.93
N LEU B 110 -15.77 14.57 -19.42
CA LEU B 110 -15.75 14.22 -18.01
C LEU B 110 -15.41 12.74 -17.82
N VAL B 111 -14.50 12.46 -16.92
CA VAL B 111 -14.12 11.14 -16.52
C VAL B 111 -14.50 10.94 -15.06
N GLY B 112 -15.31 9.94 -14.78
CA GLY B 112 -15.97 9.78 -13.52
C GLY B 112 -16.12 8.34 -13.05
N ASN B 113 -15.53 7.98 -11.93
CA ASN B 113 -15.90 6.68 -11.40
C ASN B 113 -16.79 6.63 -10.18
N ALA B 114 -17.64 5.64 -10.23
CA ALA B 114 -18.60 5.29 -9.21
C ALA B 114 -19.41 6.54 -8.89
N LEU B 115 -19.35 7.00 -7.68
CA LEU B 115 -20.07 8.21 -7.28
C LEU B 115 -19.76 9.38 -8.24
N GLY B 116 -18.51 9.51 -8.64
CA GLY B 116 -18.07 10.55 -9.56
C GLY B 116 -18.64 10.39 -10.96
N GLY B 117 -18.92 9.15 -11.36
CA GLY B 117 -19.65 8.88 -12.58
C GLY B 117 -21.10 9.38 -12.51
N GLY B 118 -21.72 9.22 -11.35
CA GLY B 118 -23.08 9.72 -11.16
C GLY B 118 -23.11 11.24 -11.25
N THR B 119 -22.11 11.88 -10.68
CA THR B 119 -21.99 13.33 -10.73
C THR B 119 -21.69 13.84 -12.15
N ALA B 120 -20.82 13.13 -12.87
CA ALA B 120 -20.54 13.50 -14.26
C ALA B 120 -21.84 13.46 -15.06
N VAL B 121 -22.65 12.43 -14.83
CA VAL B 121 -23.90 12.25 -15.55
C VAL B 121 -24.93 13.31 -15.14
N ARG B 122 -25.06 13.55 -13.84
CA ARG B 122 -26.02 14.54 -13.35
C ARG B 122 -25.68 15.91 -13.97
N PHE B 123 -24.38 16.22 -13.99
CA PHE B 123 -23.86 17.44 -14.58
C PHE B 123 -24.20 17.53 -16.07
N ALA B 124 -23.91 16.44 -16.80
CA ALA B 124 -24.18 16.39 -18.24
C ALA B 124 -25.68 16.51 -18.56
N LEU B 125 -26.53 16.08 -17.63
CA LEU B 125 -27.97 16.22 -17.82
C LEU B 125 -28.46 17.63 -17.46
N ASP B 126 -27.94 18.18 -16.36
CA ASP B 126 -28.38 19.48 -15.86
C ASP B 126 -27.82 20.66 -16.65
N TYR B 127 -26.58 20.51 -17.14
CA TYR B 127 -25.91 21.57 -17.91
C TYR B 127 -25.40 20.98 -19.22
N PRO B 128 -26.33 20.60 -20.12
CA PRO B 128 -26.08 19.77 -21.29
C PRO B 128 -25.00 20.35 -22.21
N ALA B 129 -24.94 21.66 -22.31
CA ALA B 129 -24.01 22.32 -23.22
C ALA B 129 -22.57 22.26 -22.70
N ARG B 130 -22.41 21.98 -21.41
CA ARG B 130 -21.12 22.09 -20.74
C ARG B 130 -20.34 20.78 -20.67
N ALA B 131 -21.03 19.68 -20.90
CA ALA B 131 -20.41 18.36 -20.86
C ALA B 131 -20.13 17.81 -22.27
N GLY B 132 -18.88 17.48 -22.54
CA GLY B 132 -18.50 16.81 -23.78
C GLY B 132 -18.61 15.30 -23.61
N ARG B 133 -17.70 14.57 -24.23
CA ARG B 133 -17.69 13.11 -24.12
C ARG B 133 -17.56 12.64 -22.66
N LEU B 134 -18.21 11.55 -22.32
CA LEU B 134 -18.12 11.01 -20.96
C LEU B 134 -17.41 9.67 -20.93
N VAL B 135 -16.51 9.51 -19.97
CA VAL B 135 -15.94 8.22 -19.65
C VAL B 135 -16.36 7.89 -18.21
N LEU B 136 -17.08 6.79 -18.04
CA LEU B 136 -17.72 6.46 -16.77
C LEU B 136 -17.39 5.04 -16.32
N MET B 137 -16.67 4.92 -15.20
CA MET B 137 -16.23 3.60 -14.73
C MET B 137 -17.09 3.14 -13.56
N GLY B 138 -17.75 2.01 -13.75
CA GLY B 138 -18.70 1.49 -12.78
C GLY B 138 -19.49 2.62 -12.12
N PRO B 139 -20.11 3.48 -12.93
CA PRO B 139 -20.80 4.68 -12.45
C PRO B 139 -22.02 4.38 -11.57
N GLY B 140 -22.17 5.15 -10.49
CA GLY B 140 -23.43 5.18 -9.77
C GLY B 140 -24.46 5.98 -10.55
N GLY B 141 -25.68 6.03 -10.05
CA GLY B 141 -26.69 6.92 -10.61
C GLY B 141 -27.31 6.42 -11.90
N LEU B 142 -26.54 6.32 -12.97
CA LEU B 142 -27.12 5.81 -14.22
C LEU B 142 -27.22 4.28 -14.21
N SER B 143 -26.54 3.63 -13.28
CA SER B 143 -26.63 2.19 -13.18
C SER B 143 -27.91 1.82 -12.45
N ILE B 144 -28.53 0.73 -12.90
CA ILE B 144 -29.61 0.08 -12.18
C ILE B 144 -29.40 -1.42 -12.30
N ASN B 145 -29.15 -2.06 -11.16
CA ASN B 145 -28.79 -3.47 -11.12
C ASN B 145 -29.99 -4.38 -11.36
N LEU B 146 -30.27 -4.69 -12.62
CA LEU B 146 -31.46 -5.47 -12.97
C LEU B 146 -31.56 -6.85 -12.32
N PHE B 147 -30.43 -7.44 -11.98
CA PHE B 147 -30.43 -8.78 -11.38
C PHE B 147 -29.95 -8.82 -9.94
N ALA B 148 -28.93 -8.03 -9.62
CA ALA B 148 -28.39 -7.99 -8.26
C ALA B 148 -29.33 -7.30 -7.27
N PRO B 149 -29.72 -8.01 -6.20
CA PRO B 149 -30.53 -7.43 -5.13
C PRO B 149 -29.82 -6.24 -4.48
N ASP B 150 -30.55 -5.15 -4.27
CA ASP B 150 -30.01 -3.96 -3.60
C ASP B 150 -30.46 -3.97 -2.13
N PRO B 151 -29.59 -3.51 -1.23
CA PRO B 151 -28.24 -3.01 -1.52
C PRO B 151 -27.28 -4.15 -1.81
N THR B 152 -26.36 -3.91 -2.73
CA THR B 152 -25.31 -4.86 -3.05
C THR B 152 -24.35 -5.01 -1.90
N GLU B 153 -23.47 -5.98 -2.01
CA GLU B 153 -22.49 -6.26 -0.98
C GLU B 153 -21.57 -5.08 -0.69
N GLY B 154 -21.11 -4.41 -1.75
CA GLY B 154 -20.32 -3.20 -1.61
C GLY B 154 -21.07 -2.07 -0.91
N VAL B 155 -22.33 -1.87 -1.27
CA VAL B 155 -23.13 -0.83 -0.63
C VAL B 155 -23.34 -1.15 0.85
N LYS B 156 -23.64 -2.42 1.15
CA LYS B 156 -23.85 -2.84 2.53
C LYS B 156 -22.59 -2.66 3.38
N ARG B 157 -21.43 -3.00 2.82
CA ARG B 157 -20.19 -2.85 3.57
C ARG B 157 -19.84 -1.37 3.83
N LEU B 158 -20.15 -0.50 2.88
CA LEU B 158 -20.00 0.94 3.10
C LEU B 158 -20.95 1.43 4.19
N SER B 159 -22.20 0.96 4.14
CA SER B 159 -23.19 1.31 5.16
C SER B 159 -22.76 0.86 6.53
N LYS B 160 -22.17 -0.32 6.62
CA LYS B 160 -21.71 -0.82 7.90
C LYS B 160 -20.63 0.06 8.50
N PHE B 161 -19.69 0.52 7.68
CA PHE B 161 -18.67 1.44 8.15
C PHE B 161 -19.30 2.74 8.64
N SER B 162 -20.25 3.28 7.88
CA SER B 162 -20.92 4.52 8.24
C SER B 162 -21.57 4.38 9.60
N VAL B 163 -22.06 3.18 9.91
CA VAL B 163 -22.67 2.90 11.19
C VAL B 163 -21.61 2.68 12.26
N ALA B 164 -20.61 1.86 11.93
CA ALA B 164 -19.55 1.53 12.87
C ALA B 164 -18.21 1.76 12.19
N PRO B 165 -17.68 2.98 12.29
CA PRO B 165 -16.45 3.37 11.58
C PRO B 165 -15.20 2.76 12.20
N THR B 166 -15.05 1.45 12.08
CA THR B 166 -13.87 0.77 12.60
C THR B 166 -12.91 0.39 11.48
N ARG B 167 -11.65 0.19 11.83
CA ARG B 167 -10.64 -0.21 10.87
C ARG B 167 -11.06 -1.50 10.17
N GLU B 168 -11.56 -2.43 10.97
CA GLU B 168 -12.01 -3.73 10.47
C GLU B 168 -13.12 -3.60 9.42
N ASN B 169 -14.07 -2.70 9.67
CA ASN B 169 -15.16 -2.49 8.73
C ASN B 169 -14.69 -1.82 7.45
N LEU B 170 -13.72 -0.92 7.59
CA LEU B 170 -13.17 -0.28 6.40
C LEU B 170 -12.43 -1.30 5.56
N GLU B 171 -11.66 -2.18 6.20
CA GLU B 171 -10.94 -3.20 5.45
C GLU B 171 -11.89 -4.12 4.70
N ALA B 172 -13.00 -4.50 5.33
CA ALA B 172 -13.98 -5.38 4.68
C ALA B 172 -14.59 -4.70 3.46
N PHE B 173 -14.83 -3.42 3.58
CA PHE B 173 -15.33 -2.60 2.49
C PHE B 173 -14.31 -2.50 1.34
N LEU B 174 -13.06 -2.21 1.69
CA LEU B 174 -12.03 -2.04 0.67
C LEU B 174 -11.80 -3.33 -0.12
N ARG B 175 -11.89 -4.47 0.57
CA ARG B 175 -11.66 -5.76 -0.07
C ARG B 175 -12.68 -6.11 -1.15
N VAL B 176 -13.88 -5.51 -1.08
CA VAL B 176 -14.87 -5.71 -2.16
C VAL B 176 -14.79 -4.66 -3.26
N MET B 177 -13.75 -3.82 -3.22
CA MET B 177 -13.51 -2.84 -4.27
C MET B 177 -12.68 -3.43 -5.41
N VAL B 178 -12.01 -4.54 -5.14
CA VAL B 178 -11.02 -5.08 -6.07
C VAL B 178 -11.15 -6.58 -6.30
N TYR B 179 -10.80 -7.01 -7.51
CA TYR B 179 -10.72 -8.43 -7.84
C TYR B 179 -9.53 -9.05 -7.11
N ASP B 180 -8.37 -8.38 -7.21
CA ASP B 180 -7.14 -8.84 -6.56
C ASP B 180 -7.02 -8.29 -5.14
N LYS B 181 -7.43 -9.08 -4.16
CA LYS B 181 -7.52 -8.59 -2.80
C LYS B 181 -6.16 -8.33 -2.16
N ASN B 182 -5.09 -8.75 -2.83
CA ASN B 182 -3.73 -8.47 -2.36
C ASN B 182 -3.38 -6.99 -2.49
N LEU B 183 -4.16 -6.29 -3.30
CA LEU B 183 -4.01 -4.85 -3.43
C LEU B 183 -4.41 -4.12 -2.15
N ILE B 184 -5.25 -4.76 -1.35
CA ILE B 184 -5.67 -4.16 -0.09
C ILE B 184 -4.64 -4.45 1.00
N THR B 185 -3.60 -3.66 1.03
CA THR B 185 -2.50 -3.79 1.95
C THR B 185 -2.82 -3.15 3.30
N PRO B 186 -2.12 -3.53 4.36
CA PRO B 186 -2.33 -2.91 5.66
C PRO B 186 -2.09 -1.39 5.64
N GLU B 187 -1.07 -0.93 4.98
CA GLU B 187 -0.80 0.48 4.77
C GLU B 187 -1.96 1.20 4.11
N LEU B 188 -2.49 0.63 3.06
CA LEU B 188 -3.64 1.22 2.36
C LEU B 188 -4.80 1.40 3.33
N VAL B 189 -5.16 0.33 4.02
CA VAL B 189 -6.21 0.37 5.03
C VAL B 189 -5.95 1.46 6.07
N ASP B 190 -4.74 1.51 6.61
CA ASP B 190 -4.41 2.51 7.63
C ASP B 190 -4.55 3.94 7.06
N GLN B 191 -4.03 4.14 5.84
CA GLN B 191 -4.11 5.44 5.18
C GLN B 191 -5.55 5.91 4.99
N ARG B 192 -6.40 5.03 4.47
CA ARG B 192 -7.79 5.39 4.22
C ARG B 192 -8.54 5.58 5.53
N PHE B 193 -8.27 4.72 6.51
CA PHE B 193 -8.95 4.83 7.81
C PHE B 193 -8.65 6.15 8.51
N ALA B 194 -7.40 6.56 8.51
CA ALA B 194 -7.04 7.85 9.10
C ALA B 194 -7.86 8.97 8.47
N LEU B 195 -8.00 8.93 7.15
CA LEU B 195 -8.76 9.97 6.43
C LEU B 195 -10.25 9.80 6.67
N ALA B 196 -10.68 8.54 6.68
CA ALA B 196 -12.08 8.19 6.77
C ALA B 196 -12.70 8.53 8.12
N SER B 197 -11.87 8.57 9.17
CA SER B 197 -12.41 8.63 10.52
C SER B 197 -12.26 9.98 11.24
N THR B 198 -11.85 11.02 10.52
CA THR B 198 -11.85 12.36 11.10
C THR B 198 -13.29 12.79 11.35
N PRO B 199 -13.53 13.66 12.34
CA PRO B 199 -14.90 14.07 12.61
C PRO B 199 -15.49 14.66 11.36
N GLU B 200 -14.72 15.40 10.59
CA GLU B 200 -15.24 16.07 9.42
C GLU B 200 -15.70 15.14 8.29
N SER B 201 -15.00 14.03 8.13
CA SER B 201 -15.37 12.96 7.23
C SER B 201 -16.60 12.25 7.69
N LEU B 202 -16.65 11.86 8.93
CA LEU B 202 -17.87 11.31 9.42
C LEU B 202 -19.06 12.26 9.31
N THR B 203 -18.87 13.56 9.47
CA THR B 203 -19.95 14.51 9.21
C THR B 203 -20.44 14.41 7.77
N ALA B 204 -19.53 14.24 6.82
CA ALA B 204 -19.92 14.11 5.44
C ALA B 204 -20.60 12.76 5.09
N THR B 205 -20.24 11.69 5.80
CA THR B 205 -20.86 10.36 5.66
C THR B 205 -22.31 10.44 6.10
N ARG B 206 -22.51 10.97 7.29
CA ARG B 206 -23.79 11.31 7.86
C ARG B 206 -24.66 12.07 6.88
N ALA B 207 -24.08 13.08 6.23
CA ALA B 207 -24.77 13.94 5.32
C ALA B 207 -25.28 13.20 4.10
N MET B 208 -24.43 12.38 3.51
CA MET B 208 -24.85 11.52 2.41
C MET B 208 -25.95 10.59 2.84
N GLY B 209 -25.76 9.99 4.00
CA GLY B 209 -26.75 9.10 4.54
C GLY B 209 -28.06 9.78 4.48
N LYS B 210 -28.21 10.83 5.24
CA LYS B 210 -29.45 11.54 5.30
C LYS B 210 -29.94 12.11 3.96
N SER B 211 -29.10 12.21 2.95
CA SER B 211 -29.52 12.75 1.67
C SER B 211 -30.02 11.67 0.79
N PHE B 212 -30.51 10.61 1.41
CA PHE B 212 -30.98 9.48 0.66
C PHE B 212 -32.46 9.53 0.79
N ALA B 213 -32.88 9.89 2.00
CA ALA B 213 -34.25 10.04 2.44
C ALA B 213 -34.86 11.30 1.93
N GLY B 214 -34.20 11.99 1.01
CA GLY B 214 -34.67 13.27 0.54
C GLY B 214 -35.72 13.23 -0.53
N ALA B 215 -36.54 14.27 -0.61
CA ALA B 215 -37.66 14.19 -1.55
C ALA B 215 -37.18 14.39 -2.99
N ASP B 216 -35.91 14.73 -3.16
CA ASP B 216 -35.33 14.92 -4.50
C ASP B 216 -34.58 13.67 -4.97
N PHE B 217 -35.01 12.51 -4.46
CA PHE B 217 -34.34 11.24 -4.73
C PHE B 217 -34.34 10.89 -6.21
N GLU B 218 -35.38 11.33 -6.94
CA GLU B 218 -35.48 11.05 -8.38
C GLU B 218 -34.25 11.53 -9.15
N ALA B 219 -33.63 12.61 -8.67
CA ALA B 219 -32.44 13.14 -9.32
C ALA B 219 -31.29 12.13 -9.34
N GLY B 220 -31.37 11.12 -8.49
CA GLY B 220 -30.37 10.07 -8.44
C GLY B 220 -30.67 8.91 -9.36
N MET B 221 -31.91 8.80 -9.83
CA MET B 221 -32.33 7.68 -10.69
C MET B 221 -32.05 7.97 -12.15
N MET B 222 -30.77 8.18 -12.46
CA MET B 222 -30.39 8.74 -13.75
C MET B 222 -30.58 7.78 -14.93
N TRP B 223 -30.74 6.50 -14.62
CA TRP B 223 -31.10 5.53 -15.66
C TRP B 223 -32.40 5.92 -16.36
N ARG B 224 -33.17 6.80 -15.73
CA ARG B 224 -34.43 7.28 -16.30
C ARG B 224 -34.24 8.41 -17.31
N GLU B 225 -33.04 8.99 -17.35
CA GLU B 225 -32.84 10.23 -18.10
C GLU B 225 -31.77 10.16 -19.17
N VAL B 226 -30.86 9.20 -19.07
CA VAL B 226 -29.69 9.20 -19.95
C VAL B 226 -30.00 9.02 -21.43
N TYR B 227 -31.21 8.58 -21.77
CA TYR B 227 -31.63 8.56 -23.18
C TYR B 227 -31.52 9.96 -23.80
N ARG B 228 -31.39 11.00 -22.98
CA ARG B 228 -31.21 12.39 -23.40
C ARG B 228 -29.78 12.85 -23.73
N LEU B 229 -28.80 12.04 -23.38
CA LEU B 229 -27.41 12.35 -23.57
C LEU B 229 -27.08 12.26 -25.04
N ARG B 230 -26.43 13.26 -25.55
CA ARG B 230 -26.14 13.39 -26.96
C ARG B 230 -24.72 13.09 -27.38
N GLN B 231 -23.78 13.22 -26.47
CA GLN B 231 -22.39 12.95 -26.70
C GLN B 231 -22.05 11.45 -26.71
N PRO B 232 -20.93 11.06 -27.30
CA PRO B 232 -20.42 9.70 -27.08
C PRO B 232 -20.16 9.46 -25.60
N VAL B 233 -20.49 8.26 -25.12
CA VAL B 233 -20.30 7.89 -23.73
C VAL B 233 -19.61 6.52 -23.68
N LEU B 234 -18.46 6.46 -23.02
CA LEU B 234 -17.79 5.18 -22.87
C LEU B 234 -18.00 4.66 -21.46
N LEU B 235 -18.87 3.66 -21.34
CA LEU B 235 -19.07 2.96 -20.08
C LEU B 235 -17.96 1.91 -19.92
N ILE B 236 -17.31 1.90 -18.78
CA ILE B 236 -16.24 0.93 -18.51
C ILE B 236 -16.53 0.23 -17.20
N TRP B 237 -16.51 -1.10 -17.22
CA TRP B 237 -16.84 -1.92 -16.05
C TRP B 237 -15.81 -2.99 -15.77
N GLY B 238 -15.59 -3.27 -14.49
CA GLY B 238 -14.86 -4.46 -14.09
C GLY B 238 -15.89 -5.58 -14.02
N ARG B 239 -15.64 -6.70 -14.71
CA ARG B 239 -16.59 -7.79 -14.73
C ARG B 239 -16.99 -8.20 -13.31
N GLU B 240 -16.02 -8.13 -12.39
CA GLU B 240 -16.21 -8.54 -11.01
C GLU B 240 -16.58 -7.40 -10.05
N ASP B 241 -17.16 -6.32 -10.58
CA ASP B 241 -17.57 -5.19 -9.72
C ASP B 241 -18.60 -5.68 -8.71
N ARG B 242 -18.28 -5.55 -7.41
CA ARG B 242 -19.20 -5.97 -6.36
C ARG B 242 -19.93 -4.79 -5.67
N VAL B 243 -19.71 -3.59 -6.17
CA VAL B 243 -20.40 -2.41 -5.66
C VAL B 243 -21.54 -2.05 -6.59
N ASN B 244 -21.18 -1.71 -7.83
CA ASN B 244 -22.12 -1.47 -8.91
C ASN B 244 -21.89 -2.54 -9.97
N PRO B 245 -22.58 -3.68 -9.84
CA PRO B 245 -22.24 -4.85 -10.65
C PRO B 245 -22.58 -4.63 -12.13
N LEU B 246 -22.08 -5.52 -12.99
CA LEU B 246 -22.17 -5.37 -14.44
C LEU B 246 -23.59 -5.21 -14.98
N ASP B 247 -24.56 -5.91 -14.41
CA ASP B 247 -25.93 -5.82 -14.87
C ASP B 247 -26.48 -4.38 -14.80
N GLY B 248 -25.85 -3.54 -13.99
CA GLY B 248 -26.23 -2.15 -13.88
C GLY B 248 -25.87 -1.30 -15.09
N ALA B 249 -25.13 -1.88 -16.03
CA ALA B 249 -24.71 -1.17 -17.23
C ALA B 249 -25.78 -1.14 -18.33
N LEU B 250 -26.68 -2.12 -18.29
CA LEU B 250 -27.58 -2.42 -19.40
C LEU B 250 -28.50 -1.29 -19.86
N VAL B 251 -29.20 -0.64 -18.93
CA VAL B 251 -30.16 0.40 -19.31
C VAL B 251 -29.43 1.55 -20.00
N ALA B 252 -28.29 1.94 -19.44
CA ALA B 252 -27.46 3.00 -20.00
C ALA B 252 -26.91 2.60 -21.38
N LEU B 253 -26.44 1.36 -21.51
CA LEU B 253 -25.95 0.88 -22.80
C LEU B 253 -27.06 0.97 -23.88
N LYS B 254 -28.26 0.54 -23.52
CA LYS B 254 -29.39 0.50 -24.44
C LYS B 254 -29.88 1.89 -24.83
N THR B 255 -29.93 2.80 -23.86
CA THR B 255 -30.67 4.06 -24.05
C THR B 255 -29.83 5.27 -24.46
N ILE B 256 -28.53 5.25 -24.17
CA ILE B 256 -27.64 6.32 -24.67
C ILE B 256 -27.33 6.09 -26.17
N PRO B 257 -27.81 6.97 -27.05
CA PRO B 257 -27.62 6.71 -28.48
C PRO B 257 -26.18 6.39 -28.89
N ARG B 258 -25.20 7.14 -28.38
CA ARG B 258 -23.80 6.95 -28.79
C ARG B 258 -22.93 6.26 -27.73
N ALA B 259 -23.53 5.32 -27.01
CA ALA B 259 -22.84 4.59 -25.95
C ALA B 259 -21.87 3.55 -26.50
N GLN B 260 -20.80 3.33 -25.75
CA GLN B 260 -19.96 2.15 -25.90
C GLN B 260 -19.79 1.55 -24.51
N LEU B 261 -19.51 0.26 -24.47
CA LEU B 261 -19.24 -0.43 -23.23
C LEU B 261 -17.98 -1.25 -23.37
N HIS B 262 -17.08 -1.11 -22.40
CA HIS B 262 -15.94 -1.99 -22.32
C HIS B 262 -15.94 -2.67 -20.97
N VAL B 263 -15.87 -4.00 -20.98
CA VAL B 263 -15.81 -4.78 -19.76
C VAL B 263 -14.47 -5.49 -19.64
N PHE B 264 -13.84 -5.37 -18.48
CA PHE B 264 -12.60 -6.10 -18.16
C PHE B 264 -12.87 -7.30 -17.24
N GLY B 265 -12.59 -8.51 -17.71
CA GLY B 265 -12.56 -9.66 -16.84
C GLY B 265 -11.38 -9.55 -15.88
N GLN B 266 -11.52 -10.16 -14.72
CA GLN B 266 -10.51 -10.12 -13.67
C GLN B 266 -10.25 -8.68 -13.24
N CYS B 267 -11.35 -7.97 -12.98
CA CYS B 267 -11.28 -6.58 -12.58
C CYS B 267 -12.48 -6.26 -11.69
N GLY B 268 -12.21 -5.63 -10.56
CA GLY B 268 -13.27 -5.24 -9.65
C GLY B 268 -13.78 -3.83 -9.90
N HIS B 269 -14.32 -3.23 -8.85
CA HIS B 269 -14.90 -1.88 -8.89
C HIS B 269 -13.87 -0.79 -9.22
N TRP B 270 -12.62 -0.97 -8.79
CA TRP B 270 -11.60 0.02 -9.09
C TRP B 270 -10.90 -0.24 -10.42
N VAL B 271 -11.63 -0.03 -11.51
CA VAL B 271 -11.09 -0.20 -12.86
C VAL B 271 -9.80 0.62 -13.10
N GLN B 272 -9.79 1.86 -12.62
CA GLN B 272 -8.69 2.79 -12.89
C GLN B 272 -7.40 2.36 -12.19
N VAL B 273 -7.53 1.50 -11.17
CA VAL B 273 -6.39 0.96 -10.47
C VAL B 273 -6.01 -0.43 -11.01
N GLU B 274 -6.98 -1.34 -11.07
CA GLU B 274 -6.70 -2.73 -11.43
C GLU B 274 -6.37 -2.93 -12.90
N LYS B 275 -6.90 -2.06 -13.75
CA LYS B 275 -6.62 -2.12 -15.17
C LYS B 275 -6.11 -0.76 -15.63
N PHE B 276 -5.17 -0.20 -14.86
CA PHE B 276 -4.78 1.20 -15.03
C PHE B 276 -4.25 1.53 -16.43
N ASP B 277 -3.38 0.65 -16.95
CA ASP B 277 -2.80 0.88 -18.28
C ASP B 277 -3.86 0.80 -19.37
N GLU B 278 -4.69 -0.24 -19.33
CA GLU B 278 -5.76 -0.43 -20.29
C GLU B 278 -6.77 0.72 -20.22
N PHE B 279 -7.13 1.11 -18.99
CA PHE B 279 -8.04 2.21 -18.77
C PHE B 279 -7.46 3.51 -19.32
N ASN B 280 -6.18 3.76 -19.04
CA ASN B 280 -5.51 4.97 -19.50
C ASN B 280 -5.55 5.12 -21.02
N LYS B 281 -5.18 4.05 -21.72
CA LYS B 281 -5.14 4.05 -23.18
C LYS B 281 -6.52 4.20 -23.80
N LEU B 282 -7.49 3.50 -23.23
CA LEU B 282 -8.88 3.59 -23.67
C LEU B 282 -9.37 5.04 -23.58
N THR B 283 -9.11 5.66 -22.44
CA THR B 283 -9.52 7.04 -22.19
C THR B 283 -8.84 8.04 -23.13
N ILE B 284 -7.52 7.91 -23.29
CA ILE B 284 -6.77 8.76 -24.20
C ILE B 284 -7.31 8.65 -25.64
N GLU B 285 -7.53 7.43 -26.10
CA GLU B 285 -8.05 7.22 -27.44
C GLU B 285 -9.46 7.79 -27.59
N PHE B 286 -10.33 7.49 -26.63
CA PHE B 286 -11.71 7.94 -26.69
C PHE B 286 -11.78 9.46 -26.73
N LEU B 287 -10.95 10.11 -25.93
CA LEU B 287 -11.00 11.56 -25.81
C LEU B 287 -10.19 12.29 -26.89
N GLY B 288 -9.71 11.56 -27.90
CA GLY B 288 -9.12 12.18 -29.08
C GLY B 288 -7.64 12.47 -29.02
S SCN C . 25.60 -22.28 22.31
C SCN C . 24.81 -21.97 23.88
N SCN C . 24.25 -21.79 24.89
S SCN D . -2.72 0.22 -4.73
C SCN D . -3.96 1.52 -4.56
N SCN D . -4.77 2.36 -4.46
#